data_4IPJ
#
_entry.id   4IPJ
#
_cell.length_a   58.230
_cell.length_b   76.050
_cell.length_c   77.670
_cell.angle_alpha   90.00
_cell.angle_beta   90.00
_cell.angle_gamma   90.00
#
_symmetry.space_group_name_H-M   'P 21 21 2'
#
loop_
_entity.id
_entity.type
_entity.pdbx_description
1 polymer 'Polysialic acid capsule biosynthesis protein SiaC'
2 non-polymer 'MANGANESE (II) ION'
3 non-polymer '(2S)-2-hydroxybutanedioic acid'
4 water water
#
_entity_poly.entity_id   1
_entity_poly.type   'polypeptide(L)'
_entity_poly.pdbx_seq_one_letter_code
;GAMQNNNEFKIGNRSVGYNHEPLIICEIGINHEGSLKTAFEMVDAAYNAGAEVVKHQTHIVEDEMSDEAKQVIPGNADVS
IYEIMERCALNEEDEIKLKEYVESKGMIFISTPFSRAAALRLQRMDIPAYKIGSGECNNYPLIKLVASFGKPIILSTGMN
SIESIKKSVEIIREAGVPYALLHCTNIYPTPYEDVRLGGMNDLSEAFPDAIIGLSDHTLDNYACLGAVALGGSILERHFT
DRMDRPGPDIVCSMNPDTFKELKQGAHALKLARGGKKDTIIAGEKPTKDFAFASVVADKDIKKGELLSGDNLWVKKPGNG
DFSVNEYETLFGKVAACNIRKGAQIKKTDIE
;
_entity_poly.pdbx_strand_id   A
#
# COMPACT_ATOMS: atom_id res chain seq x y z
N GLY A 1 5.03 12.34 4.89
CA GLY A 1 3.97 13.42 5.00
C GLY A 1 2.82 13.44 3.96
N ALA A 2 3.14 13.37 2.67
CA ALA A 2 2.12 13.59 1.63
C ALA A 2 1.20 12.38 1.43
N MET A 3 1.66 11.19 1.75
CA MET A 3 0.80 10.01 1.54
C MET A 3 -0.31 9.89 2.58
N GLN A 4 -0.15 10.55 3.72
CA GLN A 4 -1.19 10.61 4.73
C GLN A 4 -2.20 11.71 4.37
N ASN A 5 -3.21 11.36 3.59
CA ASN A 5 -4.19 12.33 3.12
C ASN A 5 -5.57 11.74 3.17
N ASN A 6 -6.57 12.53 2.77
CA ASN A 6 -7.98 12.12 2.74
C ASN A 6 -8.48 11.87 1.32
N ASN A 7 -7.56 11.66 0.38
CA ASN A 7 -7.95 11.45 -1.01
C ASN A 7 -8.62 10.07 -1.14
N GLU A 8 -9.73 10.05 -1.87
CA GLU A 8 -10.51 8.84 -2.06
C GLU A 8 -11.31 8.90 -3.36
N PHE A 9 -11.63 7.73 -3.88
CA PHE A 9 -12.69 7.60 -4.91
C PHE A 9 -13.23 6.18 -4.85
N LYS A 10 -14.29 5.95 -5.60
CA LYS A 10 -14.96 4.66 -5.62
C LYS A 10 -14.70 3.87 -6.89
N ILE A 11 -14.45 2.56 -6.73
CA ILE A 11 -14.45 1.61 -7.83
C ILE A 11 -15.70 0.76 -7.59
N GLY A 12 -16.78 1.09 -8.30
CA GLY A 12 -18.08 0.50 -8.02
C GLY A 12 -18.46 0.88 -6.62
N ASN A 13 -18.74 -0.09 -5.76
CA ASN A 13 -19.10 0.21 -4.36
C ASN A 13 -17.90 0.27 -3.38
N ARG A 14 -16.69 0.05 -3.87
CA ARG A 14 -15.51 -0.09 -3.03
C ARG A 14 -14.76 1.26 -2.99
N SER A 15 -14.70 1.87 -1.81
CA SER A 15 -13.95 3.11 -1.59
C SER A 15 -12.45 2.79 -1.47
N VAL A 16 -11.61 3.59 -2.11
CA VAL A 16 -10.17 3.38 -2.09
C VAL A 16 -9.49 4.66 -1.67
N GLY A 17 -8.38 4.54 -0.92
CA GLY A 17 -7.68 5.71 -0.35
C GLY A 17 -7.05 5.42 0.99
N TYR A 18 -6.18 6.35 1.43
CA TYR A 18 -5.48 6.23 2.71
C TYR A 18 -6.37 5.89 3.90
N ASN A 19 -7.58 6.46 3.97
CA ASN A 19 -8.49 6.23 5.09
C ASN A 19 -9.38 4.96 4.96
N HIS A 20 -9.11 4.18 3.92
CA HIS A 20 -9.88 2.97 3.67
C HIS A 20 -8.96 1.77 3.76
N GLU A 21 -9.56 0.60 3.85
CA GLU A 21 -8.83 -0.63 3.83
C GLU A 21 -8.07 -0.68 2.47
N PRO A 22 -6.77 -1.05 2.49
CA PRO A 22 -6.02 -1.15 1.25
C PRO A 22 -6.66 -2.16 0.33
N LEU A 23 -6.55 -1.95 -0.96
CA LEU A 23 -7.23 -2.79 -1.93
C LEU A 23 -6.20 -3.59 -2.66
N ILE A 24 -6.36 -4.90 -2.69
CA ILE A 24 -5.43 -5.77 -3.40
C ILE A 24 -6.07 -6.15 -4.72
N ILE A 25 -5.39 -5.83 -5.80
CA ILE A 25 -5.87 -6.16 -7.12
C ILE A 25 -5.17 -7.43 -7.58
N CYS A 26 -5.96 -8.46 -7.87
CA CYS A 26 -5.40 -9.71 -8.31
C CYS A 26 -5.34 -9.65 -9.82
N GLU A 27 -4.12 -9.52 -10.37
CA GLU A 27 -4.01 -9.43 -11.81
C GLU A 27 -3.83 -10.79 -12.39
N ILE A 28 -4.91 -11.30 -12.97
CA ILE A 28 -4.89 -12.54 -13.72
C ILE A 28 -4.07 -12.35 -14.97
N GLY A 29 -4.18 -11.17 -15.57
CA GLY A 29 -3.35 -10.79 -16.73
C GLY A 29 -3.43 -11.80 -17.86
N ILE A 30 -2.26 -12.20 -18.35
CA ILE A 30 -2.15 -13.22 -19.38
C ILE A 30 -1.89 -14.60 -18.77
N ASN A 31 -2.11 -14.75 -17.45
CA ASN A 31 -1.81 -16.01 -16.78
C ASN A 31 -2.63 -17.20 -17.21
N HIS A 32 -3.82 -16.94 -17.77
CA HIS A 32 -4.67 -18.02 -18.30
C HIS A 32 -4.20 -18.61 -19.62
N GLU A 33 -3.16 -18.03 -20.23
CA GLU A 33 -2.54 -18.56 -21.45
C GLU A 33 -3.60 -18.77 -22.55
N GLY A 34 -4.60 -17.90 -22.55
CA GLY A 34 -5.57 -17.85 -23.62
C GLY A 34 -6.72 -18.80 -23.48
N SER A 35 -6.80 -19.48 -22.34
CA SER A 35 -7.86 -20.47 -22.13
C SER A 35 -8.90 -19.88 -21.20
N LEU A 36 -10.14 -19.82 -21.67
CA LEU A 36 -11.20 -19.28 -20.86
C LEU A 36 -11.38 -20.18 -19.65
N LYS A 37 -11.36 -21.49 -19.87
N LYS A 37 -11.34 -21.49 -19.85
CA LYS A 37 -11.44 -22.47 -18.79
CA LYS A 37 -11.51 -22.41 -18.72
C LYS A 37 -10.47 -22.14 -17.63
C LYS A 37 -10.47 -22.16 -17.60
N THR A 38 -9.21 -21.99 -17.97
CA THR A 38 -8.16 -21.66 -16.98
C THR A 38 -8.44 -20.34 -16.27
N ALA A 39 -8.89 -19.33 -17.02
CA ALA A 39 -9.25 -18.05 -16.41
C ALA A 39 -10.33 -18.27 -15.31
N PHE A 40 -11.38 -19.04 -15.64
CA PHE A 40 -12.40 -19.42 -14.65
C PHE A 40 -11.81 -20.08 -13.44
N GLU A 41 -10.92 -21.03 -13.63
CA GLU A 41 -10.25 -21.66 -12.49
C GLU A 41 -9.51 -20.62 -11.62
N MET A 42 -8.86 -19.66 -12.25
CA MET A 42 -8.14 -18.62 -11.52
C MET A 42 -9.05 -17.61 -10.82
N VAL A 43 -10.17 -17.28 -11.45
CA VAL A 43 -11.20 -16.48 -10.81
C VAL A 43 -11.76 -17.18 -9.59
N ASP A 44 -12.07 -18.47 -9.72
CA ASP A 44 -12.55 -19.23 -8.58
C ASP A 44 -11.53 -19.23 -7.47
N ALA A 45 -10.28 -19.48 -7.78
CA ALA A 45 -9.27 -19.50 -6.72
C ALA A 45 -9.21 -18.13 -6.03
N ALA A 46 -9.38 -17.06 -6.79
CA ALA A 46 -9.30 -15.69 -6.23
C ALA A 46 -10.49 -15.39 -5.33
N TYR A 47 -11.68 -15.80 -5.78
CA TYR A 47 -12.92 -15.61 -5.03
C TYR A 47 -12.83 -16.32 -3.69
N ASN A 48 -12.40 -17.57 -3.74
CA ASN A 48 -12.32 -18.42 -2.57
C ASN A 48 -11.24 -17.93 -1.60
N ALA A 49 -10.24 -17.21 -2.09
CA ALA A 49 -9.19 -16.66 -1.21
C ALA A 49 -9.61 -15.31 -0.60
N GLY A 50 -10.73 -14.78 -1.05
CA GLY A 50 -11.27 -13.56 -0.49
C GLY A 50 -10.95 -12.32 -1.30
N ALA A 51 -10.62 -12.49 -2.57
CA ALA A 51 -10.26 -11.33 -3.41
C ALA A 51 -11.51 -10.48 -3.65
N GLU A 52 -11.28 -9.17 -3.75
CA GLU A 52 -12.31 -8.16 -4.05
C GLU A 52 -12.33 -7.75 -5.53
N VAL A 53 -11.15 -7.72 -6.15
CA VAL A 53 -11.05 -7.24 -7.52
C VAL A 53 -10.20 -8.20 -8.32
N VAL A 54 -10.64 -8.55 -9.53
CA VAL A 54 -9.83 -9.34 -10.45
C VAL A 54 -9.54 -8.49 -11.65
N LYS A 55 -8.27 -8.33 -12.02
CA LYS A 55 -7.90 -7.53 -13.16
C LYS A 55 -7.40 -8.36 -14.33
N HIS A 56 -7.90 -8.03 -15.51
CA HIS A 56 -7.52 -8.69 -16.74
C HIS A 56 -6.59 -7.76 -17.56
N GLN A 57 -6.06 -8.28 -18.67
CA GLN A 57 -5.46 -7.48 -19.72
C GLN A 57 -6.23 -7.74 -21.01
N THR A 58 -6.50 -6.67 -21.73
CA THR A 58 -7.29 -6.71 -22.94
C THR A 58 -6.35 -6.48 -24.13
N HIS A 59 -6.13 -7.56 -24.87
CA HIS A 59 -5.19 -7.56 -25.98
C HIS A 59 -5.93 -7.80 -27.33
N ILE A 60 -5.86 -6.79 -28.19
CA ILE A 60 -6.31 -6.87 -29.57
C ILE A 60 -5.04 -6.59 -30.35
N VAL A 61 -4.34 -7.64 -30.78
CA VAL A 61 -2.93 -7.52 -31.17
C VAL A 61 -2.73 -6.59 -32.36
N GLU A 62 -3.70 -6.59 -33.27
CA GLU A 62 -3.59 -5.80 -34.46
C GLU A 62 -3.61 -4.29 -34.20
N ASP A 63 -4.33 -3.83 -33.17
CA ASP A 63 -4.36 -2.41 -32.85
C ASP A 63 -3.29 -2.05 -31.83
N GLU A 64 -2.71 -3.08 -31.20
CA GLU A 64 -1.79 -2.89 -30.11
C GLU A 64 -0.36 -2.76 -30.64
N MET A 65 -0.06 -3.48 -31.71
CA MET A 65 1.30 -3.46 -32.25
C MET A 65 1.41 -3.54 -33.77
N SER A 66 2.47 -2.94 -34.25
CA SER A 66 2.81 -2.99 -35.66
C SER A 66 3.63 -4.25 -35.86
N ASP A 67 3.99 -4.52 -37.12
CA ASP A 67 4.77 -5.72 -37.47
C ASP A 67 6.18 -5.77 -36.84
N GLU A 68 6.69 -4.62 -36.40
CA GLU A 68 7.95 -4.60 -35.69
C GLU A 68 7.93 -5.47 -34.42
N ALA A 69 6.76 -5.66 -33.82
CA ALA A 69 6.59 -6.38 -32.57
C ALA A 69 6.89 -7.86 -32.71
N LYS A 70 6.80 -8.38 -33.94
CA LYS A 70 7.13 -9.76 -34.21
C LYS A 70 8.64 -10.01 -34.20
N GLN A 71 9.45 -8.96 -34.09
CA GLN A 71 10.92 -9.08 -34.12
C GLN A 71 11.60 -8.71 -32.80
N VAL A 72 10.81 -8.38 -31.76
CA VAL A 72 11.33 -7.99 -30.44
C VAL A 72 10.89 -8.97 -29.33
N ILE A 73 11.86 -9.39 -28.54
CA ILE A 73 11.68 -10.36 -27.47
C ILE A 73 11.72 -9.67 -26.08
N PRO A 74 10.73 -9.93 -25.22
CA PRO A 74 10.74 -9.39 -23.87
C PRO A 74 11.78 -10.04 -22.97
N GLY A 75 12.13 -9.37 -21.88
CA GLY A 75 13.16 -9.90 -20.95
C GLY A 75 12.82 -11.17 -20.15
N ASN A 76 11.56 -11.62 -20.20
CA ASN A 76 11.14 -12.79 -19.42
C ASN A 76 10.46 -13.86 -20.32
N ALA A 77 10.85 -13.89 -21.59
CA ALA A 77 10.41 -14.93 -22.51
C ALA A 77 11.46 -15.04 -23.60
N ASP A 78 11.25 -15.99 -24.51
N ASP A 78 11.27 -16.00 -24.51
CA ASP A 78 12.22 -16.29 -25.57
CA ASP A 78 12.22 -16.28 -25.60
C ASP A 78 11.57 -16.34 -26.96
C ASP A 78 11.59 -16.29 -26.99
N VAL A 79 10.39 -15.72 -27.12
CA VAL A 79 9.72 -15.54 -28.45
C VAL A 79 9.20 -14.11 -28.52
N SER A 80 8.71 -13.66 -29.68
CA SER A 80 8.33 -12.25 -29.81
C SER A 80 7.13 -11.87 -28.93
N ILE A 81 7.08 -10.60 -28.51
CA ILE A 81 5.93 -10.11 -27.74
C ILE A 81 4.63 -10.36 -28.53
N TYR A 82 4.68 -10.24 -29.87
CA TYR A 82 3.50 -10.50 -30.71
C TYR A 82 3.02 -11.93 -30.54
N GLU A 83 3.93 -12.90 -30.63
CA GLU A 83 3.57 -14.30 -30.44
C GLU A 83 2.94 -14.53 -29.06
N ILE A 84 3.55 -13.99 -28.00
CA ILE A 84 3.00 -14.17 -26.68
C ILE A 84 1.58 -13.59 -26.57
N MET A 85 1.37 -12.35 -27.03
CA MET A 85 0.03 -11.71 -26.94
C MET A 85 -1.04 -12.41 -27.79
N GLU A 86 -0.62 -12.90 -28.96
CA GLU A 86 -1.53 -13.64 -29.82
C GLU A 86 -1.99 -14.97 -29.21
N ARG A 87 -1.06 -15.69 -28.61
CA ARG A 87 -1.36 -16.96 -27.94
C ARG A 87 -2.30 -16.71 -26.71
N CYS A 88 -2.05 -15.63 -25.97
CA CYS A 88 -2.72 -15.40 -24.70
C CYS A 88 -4.01 -14.60 -24.76
N ALA A 89 -4.22 -13.89 -25.84
CA ALA A 89 -5.34 -12.94 -25.89
C ALA A 89 -6.69 -13.66 -25.89
N LEU A 90 -7.63 -13.14 -25.13
CA LEU A 90 -9.01 -13.60 -25.20
C LEU A 90 -9.73 -12.75 -26.19
N ASN A 91 -10.59 -13.38 -26.99
CA ASN A 91 -11.38 -12.62 -27.94
C ASN A 91 -12.52 -11.92 -27.19
N GLU A 92 -13.26 -11.08 -27.87
CA GLU A 92 -14.28 -10.28 -27.22
C GLU A 92 -15.38 -11.12 -26.53
N GLU A 93 -15.89 -12.15 -27.21
CA GLU A 93 -16.93 -12.99 -26.61
C GLU A 93 -16.47 -13.56 -25.28
N ASP A 94 -15.24 -14.09 -25.25
CA ASP A 94 -14.67 -14.71 -24.07
C ASP A 94 -14.40 -13.72 -22.97
N GLU A 95 -13.92 -12.53 -23.29
CA GLU A 95 -13.71 -11.50 -22.27
C GLU A 95 -15.02 -11.01 -21.61
N ILE A 96 -16.09 -10.94 -22.41
CA ILE A 96 -17.42 -10.63 -21.90
C ILE A 96 -17.88 -11.70 -20.89
N LYS A 97 -17.68 -12.98 -21.21
CA LYS A 97 -18.04 -14.06 -20.30
C LYS A 97 -17.16 -14.02 -19.05
N LEU A 98 -15.89 -13.66 -19.20
CA LEU A 98 -14.99 -13.58 -18.08
C LEU A 98 -15.43 -12.49 -17.09
N LYS A 99 -15.77 -11.32 -17.61
CA LYS A 99 -16.31 -10.29 -16.76
C LYS A 99 -17.61 -10.77 -16.08
N GLU A 100 -18.52 -11.36 -16.85
CA GLU A 100 -19.76 -11.86 -16.28
C GLU A 100 -19.44 -12.83 -15.15
N TYR A 101 -18.54 -13.77 -15.39
CA TYR A 101 -18.18 -14.73 -14.35
C TYR A 101 -17.60 -14.06 -13.09
N VAL A 102 -16.69 -13.11 -13.23
CA VAL A 102 -16.08 -12.47 -12.05
C VAL A 102 -17.18 -11.76 -11.27
N GLU A 103 -18.08 -11.10 -11.97
CA GLU A 103 -19.16 -10.37 -11.32
C GLU A 103 -20.17 -11.37 -10.70
N SER A 104 -20.30 -12.55 -11.27
CA SER A 104 -21.19 -13.55 -10.69
C SER A 104 -20.67 -14.00 -9.34
N LYS A 105 -19.37 -13.88 -9.11
CA LYS A 105 -18.75 -14.27 -7.85
C LYS A 105 -18.69 -13.10 -6.87
N GLY A 106 -19.41 -12.03 -7.16
CA GLY A 106 -19.49 -10.87 -6.30
C GLY A 106 -18.21 -10.04 -6.29
N MET A 107 -17.32 -10.24 -7.28
CA MET A 107 -16.07 -9.49 -7.33
C MET A 107 -16.14 -8.38 -8.36
N ILE A 108 -15.27 -7.39 -8.23
CA ILE A 108 -15.19 -6.35 -9.24
C ILE A 108 -14.23 -6.75 -10.38
N PHE A 109 -14.66 -6.53 -11.62
CA PHE A 109 -13.84 -6.77 -12.80
C PHE A 109 -13.36 -5.44 -13.37
N ILE A 110 -12.05 -5.31 -13.50
CA ILE A 110 -11.45 -4.23 -14.25
C ILE A 110 -10.42 -4.82 -15.21
N SER A 111 -9.92 -3.99 -16.12
CA SER A 111 -8.95 -4.46 -17.07
C SER A 111 -8.03 -3.35 -17.48
N THR A 112 -6.89 -3.74 -18.05
CA THR A 112 -5.92 -2.84 -18.63
C THR A 112 -6.01 -2.93 -20.16
N PRO A 113 -6.43 -1.82 -20.83
CA PRO A 113 -6.42 -1.82 -22.27
C PRO A 113 -5.00 -1.51 -22.74
N PHE A 114 -4.54 -2.24 -23.75
CA PHE A 114 -3.22 -2.04 -24.31
C PHE A 114 -3.30 -1.35 -25.65
N SER A 115 -4.50 -0.97 -26.05
CA SER A 115 -4.75 -0.34 -27.33
C SER A 115 -6.07 0.41 -27.33
N ARG A 116 -6.22 1.23 -28.35
CA ARG A 116 -7.45 1.92 -28.59
C ARG A 116 -8.66 0.98 -28.76
N ALA A 117 -8.49 -0.08 -29.56
CA ALA A 117 -9.58 -1.01 -29.78
C ALA A 117 -9.91 -1.72 -28.45
N ALA A 118 -8.89 -2.04 -27.66
CA ALA A 118 -9.08 -2.62 -26.30
C ALA A 118 -9.90 -1.70 -25.40
N ALA A 119 -9.55 -0.41 -25.43
CA ALA A 119 -10.22 0.59 -24.61
C ALA A 119 -11.69 0.72 -25.00
N LEU A 120 -11.94 0.75 -26.29
CA LEU A 120 -13.33 0.83 -26.76
C LEU A 120 -14.10 -0.44 -26.44
N ARG A 121 -13.45 -1.62 -26.51
CA ARG A 121 -14.14 -2.87 -26.12
C ARG A 121 -14.60 -2.80 -24.64
N LEU A 122 -13.71 -2.33 -23.78
CA LEU A 122 -14.03 -2.21 -22.37
C LEU A 122 -15.10 -1.15 -22.06
N GLN A 123 -15.09 -0.03 -22.79
CA GLN A 123 -16.15 0.94 -22.63
C GLN A 123 -17.52 0.33 -23.02
N ARG A 124 -17.61 -0.41 -24.11
CA ARG A 124 -18.83 -1.15 -24.48
C ARG A 124 -19.33 -2.08 -23.36
N MET A 125 -18.39 -2.77 -22.71
CA MET A 125 -18.68 -3.64 -21.55
C MET A 125 -19.04 -2.85 -20.29
N ASP A 126 -18.62 -1.58 -20.21
CA ASP A 126 -18.97 -0.69 -19.10
C ASP A 126 -18.21 -1.06 -17.80
N ILE A 127 -16.90 -1.23 -17.88
CA ILE A 127 -16.17 -1.54 -16.67
C ILE A 127 -16.16 -0.29 -15.77
N PRO A 128 -16.01 -0.48 -14.45
CA PRO A 128 -16.13 0.61 -13.51
C PRO A 128 -14.88 1.41 -13.29
N ALA A 129 -13.73 0.89 -13.71
CA ALA A 129 -12.49 1.69 -13.67
C ALA A 129 -11.48 1.06 -14.59
N TYR A 130 -10.48 1.83 -15.00
CA TYR A 130 -9.51 1.39 -15.99
C TYR A 130 -8.13 1.44 -15.40
N LYS A 131 -7.37 0.39 -15.62
CA LYS A 131 -5.95 0.38 -15.29
C LYS A 131 -5.14 0.70 -16.55
N ILE A 132 -4.16 1.58 -16.44
CA ILE A 132 -3.24 1.86 -17.52
C ILE A 132 -1.87 1.34 -17.10
N GLY A 133 -1.31 0.41 -17.87
CA GLY A 133 -0.04 -0.20 -17.49
C GLY A 133 1.14 0.73 -17.71
N SER A 134 2.30 0.38 -17.16
CA SER A 134 3.46 1.26 -17.22
C SER A 134 3.91 1.58 -18.65
N GLY A 135 3.85 0.57 -19.51
CA GLY A 135 4.11 0.76 -20.94
C GLY A 135 3.34 1.93 -21.56
N GLU A 136 2.09 2.13 -21.12
CA GLU A 136 1.18 3.11 -21.70
C GLU A 136 1.07 4.39 -20.86
N CYS A 137 1.85 4.45 -19.79
CA CYS A 137 1.87 5.63 -18.95
C CYS A 137 2.16 6.87 -19.80
N ASN A 138 3.06 6.75 -20.76
CA ASN A 138 3.41 7.87 -21.64
C ASN A 138 2.75 7.85 -23.01
N ASN A 139 1.75 6.98 -23.17
CA ASN A 139 0.97 6.91 -24.40
C ASN A 139 -0.17 7.91 -24.31
N TYR A 140 0.13 9.17 -24.59
CA TYR A 140 -0.79 10.28 -24.27
C TYR A 140 -2.11 10.22 -25.04
N PRO A 141 -2.06 9.81 -26.33
CA PRO A 141 -3.28 9.55 -27.08
C PRO A 141 -4.19 8.49 -26.48
N LEU A 142 -3.62 7.39 -25.97
CA LEU A 142 -4.46 6.35 -25.34
C LEU A 142 -5.07 6.84 -24.01
N ILE A 143 -4.28 7.57 -23.24
CA ILE A 143 -4.74 8.15 -21.99
C ILE A 143 -5.88 9.14 -22.26
N LYS A 144 -5.73 10.03 -23.26
CA LYS A 144 -6.85 10.90 -23.64
C LYS A 144 -8.11 10.08 -23.89
N LEU A 145 -8.01 9.08 -24.74
CA LEU A 145 -9.18 8.23 -25.05
C LEU A 145 -9.76 7.65 -23.79
N VAL A 146 -8.95 6.92 -23.01
CA VAL A 146 -9.50 6.31 -21.80
C VAL A 146 -10.15 7.31 -20.83
N ALA A 147 -9.54 8.46 -20.66
CA ALA A 147 -10.06 9.46 -19.70
C ALA A 147 -11.44 9.99 -20.12
N SER A 148 -11.70 10.01 -21.43
CA SER A 148 -12.98 10.51 -21.96
C SER A 148 -14.15 9.59 -21.65
N PHE A 149 -13.85 8.39 -21.15
CA PHE A 149 -14.88 7.44 -20.79
C PHE A 149 -15.57 7.79 -19.48
N GLY A 150 -14.95 8.65 -18.68
CA GLY A 150 -15.56 9.16 -17.45
C GLY A 150 -15.46 8.26 -16.24
N LYS A 151 -14.56 7.29 -16.27
CA LYS A 151 -14.33 6.39 -15.12
C LYS A 151 -13.00 6.71 -14.47
N PRO A 152 -12.85 6.35 -13.18
CA PRO A 152 -11.58 6.53 -12.50
C PRO A 152 -10.46 5.79 -13.23
N ILE A 153 -9.24 6.30 -13.13
CA ILE A 153 -8.08 5.66 -13.77
C ILE A 153 -7.08 5.30 -12.68
N ILE A 154 -6.56 4.07 -12.73
CA ILE A 154 -5.42 3.66 -11.92
C ILE A 154 -4.21 3.59 -12.86
N LEU A 155 -3.27 4.51 -12.69
CA LEU A 155 -2.11 4.59 -13.60
C LEU A 155 -0.83 4.03 -13.01
N SER A 156 -0.25 3.02 -13.64
CA SER A 156 1.05 2.56 -13.28
C SER A 156 2.11 3.48 -13.86
N THR A 157 3.19 3.70 -13.11
CA THR A 157 4.19 4.74 -13.44
C THR A 157 5.64 4.27 -13.67
N GLY A 158 5.84 2.97 -13.88
CA GLY A 158 7.19 2.46 -14.09
C GLY A 158 7.77 2.97 -15.40
N MET A 159 9.09 3.09 -15.46
CA MET A 159 9.79 3.48 -16.70
C MET A 159 9.57 4.95 -17.07
N ASN A 160 9.05 5.73 -16.15
CA ASN A 160 8.66 7.12 -16.41
C ASN A 160 9.03 8.06 -15.28
N SER A 161 9.58 9.19 -15.64
CA SER A 161 10.01 10.21 -14.71
C SER A 161 8.79 10.97 -14.16
N ILE A 162 8.95 11.67 -13.05
CA ILE A 162 7.87 12.53 -12.55
C ILE A 162 7.38 13.50 -13.65
N GLU A 163 8.30 14.09 -14.41
CA GLU A 163 7.93 15.05 -15.47
C GLU A 163 7.11 14.39 -16.58
N SER A 164 7.43 13.16 -16.96
CA SER A 164 6.65 12.46 -17.98
C SER A 164 5.25 12.12 -17.48
N ILE A 165 5.15 11.73 -16.21
CA ILE A 165 3.87 11.38 -15.58
C ILE A 165 2.97 12.60 -15.52
N LYS A 166 3.56 13.77 -15.27
CA LYS A 166 2.84 15.04 -15.21
C LYS A 166 1.92 15.25 -16.41
N LYS A 167 2.42 14.90 -17.60
CA LYS A 167 1.66 15.13 -18.82
C LYS A 167 0.43 14.21 -18.81
N SER A 168 0.60 12.99 -18.28
CA SER A 168 -0.52 12.06 -18.21
C SER A 168 -1.54 12.53 -17.20
N VAL A 169 -1.07 12.99 -16.04
CA VAL A 169 -1.96 13.46 -15.01
C VAL A 169 -2.73 14.72 -15.47
N GLU A 170 -2.08 15.65 -16.19
CA GLU A 170 -2.80 16.81 -16.78
C GLU A 170 -4.01 16.38 -17.64
N ILE A 171 -3.81 15.37 -18.48
CA ILE A 171 -4.88 14.87 -19.33
C ILE A 171 -6.02 14.29 -18.48
N ILE A 172 -5.67 13.61 -17.40
CA ILE A 172 -6.67 12.96 -16.57
C ILE A 172 -7.50 14.02 -15.83
N ARG A 173 -6.83 15.04 -15.32
CA ARG A 173 -7.50 16.12 -14.59
C ARG A 173 -8.45 16.91 -15.47
N GLU A 174 -8.00 17.19 -16.69
CA GLU A 174 -8.80 17.90 -17.67
C GLU A 174 -10.10 17.14 -17.95
N ALA A 175 -10.01 15.81 -18.03
CA ALA A 175 -11.18 14.97 -18.19
C ALA A 175 -12.08 14.96 -16.95
N GLY A 176 -11.56 15.36 -15.80
CA GLY A 176 -12.38 15.41 -14.57
C GLY A 176 -12.71 14.08 -13.88
N VAL A 177 -11.89 13.04 -14.08
CA VAL A 177 -12.07 11.76 -13.36
C VAL A 177 -10.98 11.55 -12.28
N PRO A 178 -11.32 10.95 -11.14
CA PRO A 178 -10.31 10.74 -10.12
C PRO A 178 -9.26 9.70 -10.52
N TYR A 179 -8.11 9.71 -9.88
CA TYR A 179 -7.07 8.77 -10.27
C TYR A 179 -6.16 8.33 -9.13
N ALA A 180 -5.51 7.19 -9.37
CA ALA A 180 -4.45 6.69 -8.51
C ALA A 180 -3.21 6.50 -9.34
N LEU A 181 -2.07 6.68 -8.70
CA LEU A 181 -0.75 6.42 -9.26
C LEU A 181 -0.15 5.27 -8.51
N LEU A 182 0.25 4.25 -9.25
CA LEU A 182 0.95 3.13 -8.64
C LEU A 182 2.43 3.26 -9.00
N HIS A 183 3.28 3.28 -7.99
CA HIS A 183 4.70 3.17 -8.20
C HIS A 183 4.94 1.73 -8.65
N CYS A 184 5.91 1.54 -9.52
CA CYS A 184 6.10 0.27 -10.22
C CYS A 184 7.51 0.17 -10.82
N THR A 185 8.04 -1.04 -10.87
CA THR A 185 9.28 -1.32 -11.54
C THR A 185 9.04 -2.55 -12.44
N ASN A 186 9.23 -2.39 -13.75
CA ASN A 186 8.87 -3.45 -14.72
C ASN A 186 10.04 -4.33 -15.14
N ILE A 187 10.51 -5.10 -14.18
CA ILE A 187 11.52 -6.14 -14.38
C ILE A 187 10.85 -7.35 -13.80
N TYR A 188 10.88 -8.45 -14.54
N TYR A 188 10.72 -8.40 -14.61
CA TYR A 188 10.11 -9.61 -14.21
CA TYR A 188 10.07 -9.63 -14.17
C TYR A 188 11.01 -10.83 -13.93
C TYR A 188 11.12 -10.71 -13.92
N PRO A 189 11.35 -11.10 -12.64
CA PRO A 189 10.91 -10.46 -11.42
C PRO A 189 11.82 -9.32 -11.00
N THR A 190 11.35 -8.50 -10.06
CA THR A 190 12.09 -7.33 -9.61
C THR A 190 12.99 -7.68 -8.44
N PRO A 191 14.29 -7.37 -8.54
CA PRO A 191 15.14 -7.49 -7.35
C PRO A 191 14.65 -6.56 -6.27
N TYR A 192 14.78 -6.96 -5.01
CA TYR A 192 14.43 -6.10 -3.87
C TYR A 192 15.04 -4.71 -4.04
N GLU A 193 16.32 -4.66 -4.43
CA GLU A 193 17.08 -3.41 -4.46
C GLU A 193 16.58 -2.41 -5.52
N ASP A 194 15.74 -2.86 -6.44
CA ASP A 194 15.22 -1.96 -7.48
C ASP A 194 13.83 -1.44 -7.15
N VAL A 195 13.26 -1.86 -6.01
CA VAL A 195 11.86 -1.50 -5.72
C VAL A 195 11.76 -0.01 -5.43
N ARG A 196 12.69 0.53 -4.64
CA ARG A 196 12.66 1.93 -4.21
C ARG A 196 11.28 2.40 -3.71
N LEU A 197 10.84 1.91 -2.56
CA LEU A 197 9.51 2.28 -2.04
C LEU A 197 9.33 3.78 -1.82
N GLY A 198 10.43 4.49 -1.59
CA GLY A 198 10.41 5.94 -1.45
C GLY A 198 9.89 6.64 -2.68
N GLY A 199 9.86 5.96 -3.83
CA GLY A 199 9.23 6.52 -5.01
C GLY A 199 7.75 6.84 -4.85
N MET A 200 7.09 6.15 -3.90
CA MET A 200 5.70 6.43 -3.63
C MET A 200 5.52 7.81 -3.03
N ASN A 201 6.44 8.19 -2.15
N ASN A 201 6.43 8.20 -2.13
CA ASN A 201 6.39 9.53 -1.54
CA ASN A 201 6.40 9.54 -1.54
C ASN A 201 6.73 10.61 -2.57
C ASN A 201 6.69 10.59 -2.60
N ASP A 202 7.66 10.30 -3.47
CA ASP A 202 7.97 11.19 -4.61
C ASP A 202 6.72 11.48 -5.43
N LEU A 203 5.93 10.45 -5.71
CA LEU A 203 4.70 10.60 -6.47
C LEU A 203 3.64 11.43 -5.71
N SER A 204 3.47 11.15 -4.41
N SER A 204 3.42 11.14 -4.42
CA SER A 204 2.49 11.87 -3.59
CA SER A 204 2.39 11.83 -3.64
C SER A 204 2.81 13.38 -3.43
C SER A 204 2.69 13.33 -3.49
N GLU A 205 4.08 13.71 -3.24
N GLU A 205 3.96 13.66 -3.28
CA GLU A 205 4.48 15.13 -3.15
CA GLU A 205 4.39 15.05 -3.16
C GLU A 205 4.33 15.87 -4.47
C GLU A 205 4.29 15.84 -4.46
N ALA A 206 4.60 15.21 -5.59
CA ALA A 206 4.39 15.81 -6.92
C ALA A 206 2.89 15.92 -7.26
N PHE A 207 2.05 14.97 -6.82
CA PHE A 207 0.62 14.86 -7.22
C PHE A 207 -0.31 14.70 -6.00
N PRO A 208 -0.50 15.79 -5.24
CA PRO A 208 -1.20 15.76 -3.97
C PRO A 208 -2.68 15.36 -4.00
N ASP A 209 -3.29 15.30 -5.17
CA ASP A 209 -4.66 14.84 -5.30
C ASP A 209 -4.76 13.37 -5.69
N ALA A 210 -3.61 12.71 -5.88
CA ALA A 210 -3.59 11.34 -6.32
C ALA A 210 -3.76 10.42 -5.13
N ILE A 211 -4.50 9.34 -5.34
CA ILE A 211 -4.49 8.17 -4.48
C ILE A 211 -3.22 7.43 -4.87
N ILE A 212 -2.48 6.91 -3.91
CA ILE A 212 -1.15 6.32 -4.19
C ILE A 212 -1.08 4.83 -3.81
N GLY A 213 -0.42 4.03 -4.66
CA GLY A 213 -0.24 2.59 -4.40
C GLY A 213 1.05 2.03 -4.97
N LEU A 214 1.13 0.69 -5.00
CA LEU A 214 2.25 -0.04 -5.58
C LEU A 214 1.77 -1.19 -6.46
N SER A 215 2.36 -1.28 -7.64
CA SER A 215 2.23 -2.47 -8.46
C SER A 215 3.58 -3.17 -8.40
N ASP A 216 3.58 -4.49 -8.23
CA ASP A 216 4.77 -5.15 -7.85
C ASP A 216 4.99 -6.43 -8.62
N HIS A 217 6.27 -6.65 -8.94
CA HIS A 217 6.69 -7.84 -9.64
C HIS A 217 7.86 -8.57 -8.96
N THR A 218 8.00 -8.42 -7.65
CA THR A 218 8.99 -9.18 -6.87
C THR A 218 8.46 -10.59 -6.62
N LEU A 219 9.31 -11.43 -6.02
CA LEU A 219 8.98 -12.83 -5.72
C LEU A 219 8.10 -13.07 -4.50
N ASP A 220 7.79 -12.04 -3.74
CA ASP A 220 7.01 -12.23 -2.52
C ASP A 220 6.27 -10.96 -2.09
N ASN A 221 5.81 -10.91 -0.85
CA ASN A 221 4.90 -9.90 -0.35
C ASN A 221 5.59 -8.76 0.36
N TYR A 222 6.89 -8.85 0.63
CA TYR A 222 7.56 -7.84 1.45
C TYR A 222 7.42 -6.44 0.93
N ALA A 223 7.68 -6.26 -0.37
CA ALA A 223 7.52 -4.97 -0.98
C ALA A 223 6.11 -4.39 -0.75
N CYS A 224 5.07 -5.17 -1.04
CA CYS A 224 3.71 -4.69 -0.87
C CYS A 224 3.37 -4.30 0.57
N LEU A 225 3.84 -5.10 1.53
CA LEU A 225 3.61 -4.81 2.92
C LEU A 225 4.34 -3.53 3.32
N GLY A 226 5.54 -3.33 2.79
CA GLY A 226 6.24 -2.10 3.02
C GLY A 226 5.45 -0.93 2.45
N ALA A 227 4.89 -1.10 1.25
CA ALA A 227 4.07 -0.04 0.62
C ALA A 227 2.88 0.32 1.49
N VAL A 228 2.26 -0.68 2.12
CA VAL A 228 1.14 -0.40 3.03
C VAL A 228 1.63 0.37 4.26
N ALA A 229 2.78 0.03 4.81
CA ALA A 229 3.33 0.77 5.97
C ALA A 229 3.56 2.24 5.67
N LEU A 230 3.95 2.53 4.43
CA LEU A 230 4.25 3.89 4.01
C LEU A 230 2.98 4.68 3.69
N GLY A 231 1.84 4.03 3.58
CA GLY A 231 0.59 4.72 3.25
C GLY A 231 -0.08 4.25 1.97
N GLY A 232 0.41 3.19 1.34
CA GLY A 232 -0.14 2.81 0.06
C GLY A 232 -1.58 2.32 0.15
N SER A 233 -2.38 2.58 -0.88
CA SER A 233 -3.83 2.29 -0.84
C SER A 233 -4.30 1.19 -1.75
N ILE A 234 -3.50 0.91 -2.76
CA ILE A 234 -3.81 -0.09 -3.77
C ILE A 234 -2.56 -0.93 -3.92
N LEU A 235 -2.69 -2.23 -3.87
CA LEU A 235 -1.59 -3.12 -4.08
C LEU A 235 -2.02 -3.94 -5.28
N GLU A 236 -1.08 -4.17 -6.18
CA GLU A 236 -1.31 -5.01 -7.37
C GLU A 236 -0.17 -6.02 -7.52
N ARG A 237 -0.54 -7.29 -7.55
CA ARG A 237 0.33 -8.37 -7.92
C ARG A 237 -0.39 -9.27 -8.90
N HIS A 238 0.38 -9.91 -9.77
CA HIS A 238 -0.18 -10.94 -10.64
C HIS A 238 -0.70 -12.06 -9.75
N PHE A 239 -1.67 -12.83 -10.24
CA PHE A 239 -2.33 -13.89 -9.44
C PHE A 239 -2.46 -15.15 -10.26
N THR A 240 -2.23 -16.28 -9.61
CA THR A 240 -2.44 -17.58 -10.23
C THR A 240 -3.11 -18.48 -9.19
N ASP A 241 -3.83 -19.49 -9.64
CA ASP A 241 -4.43 -20.48 -8.75
C ASP A 241 -3.41 -21.47 -8.19
N ARG A 242 -2.31 -21.66 -8.92
CA ARG A 242 -1.20 -22.45 -8.43
C ARG A 242 0.11 -22.12 -9.15
N MET A 243 1.22 -22.39 -8.48
N MET A 243 1.22 -22.38 -8.48
CA MET A 243 2.52 -21.90 -8.93
CA MET A 243 2.52 -21.89 -8.95
C MET A 243 3.17 -22.80 -9.99
C MET A 243 3.14 -22.79 -10.03
N ASP A 244 2.59 -23.98 -10.25
CA ASP A 244 3.11 -24.88 -11.31
C ASP A 244 2.51 -24.62 -12.73
N ARG A 245 1.69 -23.60 -12.85
CA ARG A 245 1.21 -23.15 -14.16
C ARG A 245 2.34 -22.60 -15.07
N PRO A 246 2.21 -22.74 -16.40
CA PRO A 246 3.15 -22.12 -17.34
C PRO A 246 2.79 -20.67 -17.62
N GLY A 247 3.78 -19.90 -18.06
CA GLY A 247 3.56 -18.51 -18.39
C GLY A 247 4.63 -17.60 -17.83
N PRO A 248 4.90 -16.49 -18.54
CA PRO A 248 6.02 -15.63 -18.15
C PRO A 248 5.85 -14.87 -16.83
N ASP A 249 4.61 -14.67 -16.38
CA ASP A 249 4.34 -13.87 -15.18
C ASP A 249 4.05 -14.75 -13.95
N ILE A 250 3.99 -16.06 -14.15
CA ILE A 250 3.64 -16.93 -13.05
C ILE A 250 4.63 -16.77 -11.88
N VAL A 251 5.92 -16.72 -12.21
CA VAL A 251 7.03 -16.62 -11.25
C VAL A 251 6.87 -15.54 -10.16
N CYS A 252 6.34 -14.39 -10.54
CA CYS A 252 6.14 -13.30 -9.61
C CYS A 252 4.70 -13.14 -9.15
N SER A 253 3.85 -14.13 -9.45
CA SER A 253 2.42 -14.07 -9.08
C SER A 253 2.22 -14.55 -7.65
N MET A 254 1.19 -14.02 -6.99
CA MET A 254 0.73 -14.60 -5.73
C MET A 254 -0.27 -15.72 -6.05
N ASN A 255 -0.42 -16.64 -5.11
CA ASN A 255 -1.40 -17.72 -5.19
C ASN A 255 -2.39 -17.52 -4.03
N PRO A 256 -3.40 -18.40 -3.87
CA PRO A 256 -4.37 -18.16 -2.78
C PRO A 256 -3.74 -17.97 -1.40
N ASP A 257 -2.78 -18.83 -1.03
CA ASP A 257 -2.15 -18.71 0.29
C ASP A 257 -1.41 -17.37 0.48
N THR A 258 -0.62 -16.98 -0.51
CA THR A 258 0.16 -15.74 -0.40
C THR A 258 -0.73 -14.49 -0.53
N PHE A 259 -1.81 -14.57 -1.31
CA PHE A 259 -2.84 -13.52 -1.25
C PHE A 259 -3.38 -13.34 0.17
N LYS A 260 -3.76 -14.42 0.81
CA LYS A 260 -4.35 -14.29 2.15
C LYS A 260 -3.36 -13.70 3.15
N GLU A 261 -2.09 -14.10 3.04
N GLU A 261 -2.09 -14.07 3.03
CA GLU A 261 -1.00 -13.57 3.85
CA GLU A 261 -1.08 -13.51 3.92
C GLU A 261 -0.89 -12.04 3.66
C GLU A 261 -0.92 -12.00 3.67
N LEU A 262 -0.92 -11.59 2.42
CA LEU A 262 -0.82 -10.16 2.08
C LEU A 262 -2.06 -9.40 2.59
N LYS A 263 -3.22 -10.01 2.42
CA LYS A 263 -4.43 -9.40 2.92
C LYS A 263 -4.37 -9.20 4.44
N GLN A 264 -3.88 -10.19 5.17
CA GLN A 264 -3.81 -10.07 6.63
C GLN A 264 -2.73 -9.05 7.06
N GLY A 265 -1.58 -9.08 6.40
CA GLY A 265 -0.51 -8.13 6.68
C GLY A 265 -0.97 -6.72 6.35
N ALA A 266 -1.61 -6.56 5.20
CA ALA A 266 -2.14 -5.26 4.81
C ALA A 266 -3.13 -4.69 5.82
N HIS A 267 -3.98 -5.54 6.36
CA HIS A 267 -4.93 -5.14 7.38
C HIS A 267 -4.18 -4.67 8.64
N ALA A 268 -3.17 -5.44 9.03
CA ALA A 268 -2.39 -5.14 10.23
C ALA A 268 -1.68 -3.81 10.05
N LEU A 269 -1.08 -3.59 8.88
CA LEU A 269 -0.30 -2.38 8.66
C LEU A 269 -1.19 -1.15 8.47
N LYS A 270 -2.40 -1.33 7.92
CA LYS A 270 -3.37 -0.26 7.78
C LYS A 270 -3.66 0.36 9.13
N LEU A 271 -3.89 -0.50 10.12
CA LEU A 271 -4.13 -0.08 11.50
C LEU A 271 -2.90 0.55 12.14
N ALA A 272 -1.72 -0.03 11.91
CA ALA A 272 -0.49 0.40 12.60
C ALA A 272 0.16 1.70 12.04
N ARG A 273 -0.07 1.98 10.78
CA ARG A 273 0.65 3.01 10.09
C ARG A 273 0.16 4.38 10.47
N GLY A 274 0.97 5.38 10.18
CA GLY A 274 0.56 6.76 10.38
C GLY A 274 0.46 7.16 11.84
N GLY A 275 -0.45 8.07 12.11
CA GLY A 275 -0.62 8.61 13.45
C GLY A 275 0.53 9.52 13.86
N LYS A 276 0.54 9.90 15.14
CA LYS A 276 1.42 10.95 15.68
C LYS A 276 2.08 10.42 16.94
N LYS A 277 3.32 10.86 17.21
CA LYS A 277 4.06 10.43 18.39
C LYS A 277 3.43 10.85 19.69
N ASP A 278 2.95 12.09 19.72
CA ASP A 278 2.46 12.73 20.94
C ASP A 278 1.05 12.32 21.36
N THR A 279 0.33 11.57 20.52
CA THR A 279 -0.98 11.08 20.90
C THR A 279 -0.90 10.27 22.21
N ILE A 280 -1.77 10.58 23.15
CA ILE A 280 -1.85 9.91 24.46
C ILE A 280 -2.67 8.64 24.35
N ILE A 281 -2.06 7.49 24.62
CA ILE A 281 -2.77 6.20 24.49
C ILE A 281 -3.32 5.82 25.86
N ALA A 282 -4.65 5.72 25.96
CA ALA A 282 -5.32 5.42 27.23
C ALA A 282 -4.73 4.16 27.85
N GLY A 283 -4.56 3.14 27.02
CA GLY A 283 -3.98 1.86 27.42
C GLY A 283 -2.60 1.92 28.06
N GLU A 284 -1.84 2.97 27.81
CA GLU A 284 -0.54 3.11 28.49
C GLU A 284 -0.64 3.58 29.97
N LYS A 285 -1.82 4.04 30.39
CA LYS A 285 -1.91 4.68 31.70
C LYS A 285 -1.44 3.82 32.87
N PRO A 286 -1.92 2.58 32.99
CA PRO A 286 -1.38 1.72 34.05
C PRO A 286 0.14 1.59 34.07
N THR A 287 0.78 1.49 32.90
CA THR A 287 2.23 1.35 32.87
C THR A 287 2.90 2.61 33.42
N LYS A 288 2.36 3.77 33.08
CA LYS A 288 2.93 5.02 33.54
C LYS A 288 2.83 5.09 35.07
N ASP A 289 1.76 4.55 35.63
CA ASP A 289 1.54 4.68 37.06
C ASP A 289 2.61 3.90 37.84
N PHE A 290 3.06 2.74 37.35
CA PHE A 290 4.12 1.99 38.03
C PHE A 290 5.53 2.27 37.52
N ALA A 291 5.67 2.66 36.26
CA ALA A 291 7.00 2.73 35.63
C ALA A 291 7.72 4.06 35.86
N PHE A 292 6.98 5.16 36.02
CA PHE A 292 7.60 6.47 36.28
C PHE A 292 8.10 6.56 37.71
N ALA A 293 9.09 7.43 37.93
CA ALA A 293 9.81 7.55 39.19
C ALA A 293 9.34 8.76 40.04
N SER A 294 9.38 8.61 41.36
CA SER A 294 9.09 9.71 42.29
C SER A 294 10.33 10.00 43.12
N VAL A 295 10.41 11.21 43.68
CA VAL A 295 11.59 11.58 44.48
C VAL A 295 11.49 10.92 45.85
N VAL A 296 12.61 10.30 46.26
CA VAL A 296 12.73 9.62 47.56
C VAL A 296 13.95 10.17 48.35
N ALA A 297 13.98 9.96 49.66
CA ALA A 297 15.17 10.30 50.42
C ALA A 297 16.22 9.23 50.16
N ASP A 298 17.43 9.66 49.87
CA ASP A 298 18.53 8.75 49.66
C ASP A 298 19.30 8.51 50.98
N LYS A 299 18.90 9.23 52.03
CA LYS A 299 19.54 9.20 53.36
C LYS A 299 18.50 9.56 54.42
N ASP A 300 18.76 9.19 55.67
CA ASP A 300 18.06 9.82 56.78
C ASP A 300 18.37 11.31 56.73
N ILE A 301 17.34 12.15 56.76
CA ILE A 301 17.49 13.61 56.75
C ILE A 301 16.85 14.13 58.04
N LYS A 302 17.63 14.81 58.88
CA LYS A 302 17.11 15.37 60.13
C LYS A 302 16.24 16.58 59.86
N LYS A 303 15.25 16.80 60.70
CA LYS A 303 14.52 18.08 60.73
C LYS A 303 15.49 19.28 60.67
N GLY A 304 15.20 20.23 59.77
CA GLY A 304 16.01 21.44 59.62
C GLY A 304 17.15 21.34 58.63
N GLU A 305 17.55 20.12 58.26
CA GLU A 305 18.59 19.95 57.25
C GLU A 305 18.08 20.31 55.85
N LEU A 306 19.01 20.75 54.98
CA LEU A 306 18.66 21.15 53.61
C LEU A 306 18.56 19.94 52.71
N LEU A 307 17.56 19.90 51.83
CA LEU A 307 17.49 18.87 50.80
C LEU A 307 18.53 19.14 49.71
N SER A 308 19.14 18.10 49.18
CA SER A 308 20.18 18.25 48.17
C SER A 308 20.20 17.07 47.20
N GLY A 309 21.02 17.21 46.16
CA GLY A 309 21.36 16.11 45.27
C GLY A 309 22.10 14.95 45.95
N ASP A 310 22.63 15.17 47.16
CA ASP A 310 23.28 14.09 47.94
C ASP A 310 22.33 13.27 48.85
N ASN A 311 21.22 13.84 49.27
CA ASN A 311 20.32 13.13 50.21
C ASN A 311 18.95 12.85 49.58
N LEU A 312 18.82 13.13 48.28
CA LEU A 312 17.62 12.81 47.49
C LEU A 312 17.96 11.89 46.31
N TRP A 313 17.03 11.01 45.93
CA TRP A 313 17.13 10.25 44.69
C TRP A 313 15.71 10.00 44.15
N VAL A 314 15.60 9.17 43.10
CA VAL A 314 14.33 8.87 42.46
C VAL A 314 14.18 7.38 42.25
N LYS A 315 12.95 6.89 42.45
CA LYS A 315 12.61 5.49 42.36
C LYS A 315 11.15 5.30 41.95
N LYS A 316 10.86 4.19 41.27
CA LYS A 316 9.46 3.77 41.02
C LYS A 316 8.73 3.53 42.33
N PRO A 317 7.39 3.65 42.35
CA PRO A 317 6.46 4.01 41.27
C PRO A 317 6.17 5.49 41.25
N GLY A 318 5.16 5.86 40.46
CA GLY A 318 4.92 7.24 40.13
C GLY A 318 3.90 7.98 40.97
N ASN A 319 3.58 7.46 42.15
CA ASN A 319 2.50 8.04 42.93
C ASN A 319 2.95 8.97 44.03
N GLY A 320 4.24 9.32 44.06
CA GLY A 320 4.75 10.24 45.08
C GLY A 320 4.38 11.70 44.85
N ASP A 321 4.49 12.50 45.90
CA ASP A 321 4.14 13.93 45.80
C ASP A 321 5.04 14.67 44.81
N PHE A 322 6.28 14.20 44.62
CA PHE A 322 7.18 14.86 43.67
C PHE A 322 7.67 13.90 42.59
N SER A 323 7.39 14.23 41.34
CA SER A 323 7.81 13.40 40.23
C SER A 323 9.28 13.66 39.94
N VAL A 324 9.90 12.74 39.21
CA VAL A 324 11.32 12.86 38.88
C VAL A 324 11.56 14.15 38.11
N ASN A 325 10.55 14.57 37.36
CA ASN A 325 10.55 15.88 36.70
C ASN A 325 10.87 17.05 37.65
N GLU A 326 10.46 16.95 38.92
CA GLU A 326 10.62 18.03 39.89
C GLU A 326 11.85 17.83 40.80
N TYR A 327 12.73 16.88 40.48
CA TYR A 327 13.82 16.49 41.40
C TYR A 327 14.67 17.70 41.87
N GLU A 328 15.09 18.52 40.91
CA GLU A 328 16.01 19.61 41.23
C GLU A 328 15.31 20.78 41.92
N THR A 329 13.99 20.91 41.75
CA THR A 329 13.23 21.95 42.45
C THR A 329 13.26 21.74 43.98
N LEU A 330 13.49 20.52 44.44
CA LEU A 330 13.60 20.28 45.88
C LEU A 330 14.96 20.70 46.50
N PHE A 331 15.99 20.95 45.68
CA PHE A 331 17.31 21.33 46.20
C PHE A 331 17.21 22.63 46.99
N GLY A 332 17.71 22.63 48.22
CA GLY A 332 17.66 23.82 49.07
C GLY A 332 16.40 24.00 49.91
N LYS A 333 15.37 23.18 49.70
CA LYS A 333 14.23 23.16 50.63
C LYS A 333 14.70 22.60 51.98
N VAL A 334 13.92 22.83 53.03
CA VAL A 334 14.36 22.44 54.36
C VAL A 334 13.41 21.43 54.94
N ALA A 335 14.00 20.37 55.49
CA ALA A 335 13.22 19.29 56.05
C ALA A 335 12.36 19.83 57.20
N ALA A 336 11.04 19.65 57.07
CA ALA A 336 10.04 20.05 58.08
C ALA A 336 9.92 19.04 59.21
N CYS A 337 10.58 17.89 59.04
CA CYS A 337 10.64 16.85 60.03
C CYS A 337 11.75 15.87 59.69
N ASN A 338 11.94 14.88 60.53
CA ASN A 338 12.80 13.76 60.17
C ASN A 338 12.19 13.06 58.93
N ILE A 339 13.05 12.79 57.96
CA ILE A 339 12.65 12.08 56.75
C ILE A 339 13.47 10.79 56.73
N ARG A 340 12.76 9.70 56.54
CA ARG A 340 13.30 8.38 56.62
C ARG A 340 13.96 8.00 55.30
N LYS A 341 15.13 7.40 55.37
CA LYS A 341 15.83 6.93 54.18
C LYS A 341 14.92 6.02 53.40
N GLY A 342 14.73 6.31 52.12
CA GLY A 342 13.97 5.42 51.24
C GLY A 342 12.51 5.81 51.10
N ALA A 343 12.05 6.75 51.92
CA ALA A 343 10.66 7.15 51.85
C ALA A 343 10.49 8.19 50.74
N GLN A 344 9.32 8.20 50.11
CA GLN A 344 8.98 9.22 49.14
C GLN A 344 8.91 10.53 49.86
N ILE A 345 9.46 11.59 49.26
CA ILE A 345 9.35 12.91 49.84
C ILE A 345 7.89 13.33 49.69
N LYS A 346 7.27 13.77 50.79
CA LYS A 346 5.88 14.27 50.76
C LYS A 346 5.85 15.81 50.81
N LYS A 347 4.74 16.41 50.42
N LYS A 347 4.74 16.41 50.42
CA LYS A 347 4.58 17.87 50.48
CA LYS A 347 4.57 17.87 50.49
C LYS A 347 4.70 18.40 51.93
C LYS A 347 4.70 18.40 51.93
N THR A 348 4.25 17.59 52.89
CA THR A 348 4.38 17.93 54.31
C THR A 348 5.83 17.75 54.86
N ASP A 349 6.74 17.13 54.10
CA ASP A 349 8.15 17.00 54.53
C ASP A 349 8.97 18.27 54.31
N ILE A 350 8.45 19.26 53.57
CA ILE A 350 9.24 20.48 53.32
C ILE A 350 8.57 21.72 53.89
N GLU A 351 9.40 22.63 54.39
CA GLU A 351 8.94 23.95 54.80
C GLU A 351 8.48 24.78 53.60
#